data_4I4X
#
_entry.id   4I4X
#
_cell.length_a   66.410
_cell.length_b   69.960
_cell.length_c   71.790
_cell.angle_alpha   90.00
_cell.angle_beta   106.36
_cell.angle_gamma   90.00
#
_symmetry.space_group_name_H-M   'P 1 21 1'
#
loop_
_entity.id
_entity.type
_entity.pdbx_description
1 polymer 'BEL beta-trefoil'
2 branched beta-D-galactopyranose-(1-3)-2-acetamido-2-deoxy-alpha-D-galactopyranose
3 water water
#
_entity_poly.entity_id   1
_entity_poly.type   'polypeptide(L)'
_entity_poly.pdbx_seq_one_letter_code
;VNFPNIPAEGVQFRLRARDTGYVIYSRTENPPLVWQYNGPPYDDQLFTLIYGTGPRKNLYAIKSVPNGRVLFSRTSASPY
VGNIAGDGTYNDNWFQFIQDDNDPNSFRIYDLASDTVLYSRTTADPKFGNFTGAKYDDQLWHFELV
;
_entity_poly.pdbx_strand_id   A,B,C,D
#
# COMPACT_ATOMS: atom_id res chain seq x y z
N VAL A 1 -17.86 5.87 12.07
CA VAL A 1 -18.89 6.83 12.56
C VAL A 1 -18.29 8.23 12.64
N ASN A 2 -18.99 9.21 12.09
CA ASN A 2 -18.57 10.60 12.17
C ASN A 2 -18.55 11.08 13.62
N PHE A 3 -17.53 11.85 13.97
CA PHE A 3 -17.41 12.41 15.31
C PHE A 3 -18.70 13.18 15.64
N PRO A 4 -19.32 12.87 16.80
CA PRO A 4 -20.63 13.46 17.11
C PRO A 4 -20.58 14.91 17.61
N ASN A 5 -19.40 15.43 17.94
CA ASN A 5 -19.28 16.78 18.48
C ASN A 5 -18.35 17.66 17.64
N ILE A 6 -18.75 17.89 16.40
CA ILE A 6 -18.01 18.73 15.46
C ILE A 6 -18.42 20.19 15.70
N PRO A 7 -17.45 21.12 15.81
CA PRO A 7 -17.83 22.51 16.08
C PRO A 7 -18.76 23.06 15.01
N ALA A 8 -19.71 23.88 15.45
CA ALA A 8 -20.64 24.55 14.53
C ALA A 8 -19.84 25.38 13.54
N GLU A 9 -20.39 25.57 12.35
CA GLU A 9 -19.72 26.35 11.31
C GLU A 9 -19.33 27.74 11.81
N GLY A 10 -18.08 28.12 11.58
CA GLY A 10 -17.60 29.44 11.98
C GLY A 10 -17.06 29.55 13.40
N VAL A 11 -17.31 28.53 14.22
CA VAL A 11 -16.82 28.50 15.60
C VAL A 11 -15.32 28.19 15.60
N GLN A 12 -14.54 28.94 16.37
CA GLN A 12 -13.08 28.83 16.38
C GLN A 12 -12.56 27.79 17.37
N PHE A 13 -11.48 27.10 16.98
CA PHE A 13 -10.90 26.03 17.79
C PHE A 13 -9.45 25.78 17.44
N ARG A 14 -8.74 25.11 18.34
CA ARG A 14 -7.44 24.51 18.03
C ARG A 14 -7.64 23.04 17.77
N LEU A 15 -6.75 22.46 16.98
CA LEU A 15 -6.69 21.02 16.80
C LEU A 15 -5.54 20.46 17.62
N ARG A 16 -5.87 19.82 18.74
CA ARG A 16 -4.84 19.26 19.62
C ARG A 16 -4.80 17.75 19.55
N ALA A 17 -3.61 17.20 19.40
CA ALA A 17 -3.44 15.74 19.36
C ALA A 17 -3.67 15.18 20.75
N ARG A 18 -4.42 14.09 20.84
CA ARG A 18 -4.74 13.49 22.14
C ARG A 18 -3.49 13.15 22.96
N ASP A 19 -2.55 12.46 22.34
CA ASP A 19 -1.42 11.90 23.08
C ASP A 19 -0.23 12.83 23.22
N THR A 20 0.23 13.44 22.12
CA THR A 20 1.37 14.37 22.20
C THR A 20 0.98 15.66 22.92
N GLY A 21 -0.29 16.05 22.79
CA GLY A 21 -0.74 17.36 23.28
C GLY A 21 -0.28 18.52 22.41
N TYR A 22 0.32 18.20 21.25
CA TYR A 22 0.76 19.26 20.34
C TYR A 22 -0.45 19.79 19.56
N VAL A 23 -0.34 21.00 19.04
CA VAL A 23 -1.39 21.59 18.21
C VAL A 23 -0.91 21.81 16.76
N ILE A 24 -1.86 21.87 15.83
CA ILE A 24 -1.53 22.21 14.44
C ILE A 24 -1.46 23.73 14.31
N TYR A 25 -0.41 24.21 13.65
CA TYR A 25 -0.40 25.60 13.18
C TYR A 25 -0.46 25.64 11.65
N SER A 26 -0.91 26.77 11.13
CA SER A 26 -0.95 27.00 9.69
C SER A 26 -0.53 28.43 9.40
N ARG A 27 0.69 28.60 8.90
CA ARG A 27 1.25 29.93 8.64
C ARG A 27 1.50 30.13 7.14
N THR A 28 1.84 31.35 6.75
CA THR A 28 1.96 31.71 5.33
C THR A 28 3.39 31.83 4.80
N GLU A 29 4.38 31.70 5.67
CA GLU A 29 5.78 31.70 5.27
C GLU A 29 6.59 30.74 6.12
N ASN A 30 7.74 30.32 5.61
CA ASN A 30 8.68 29.45 6.33
C ASN A 30 8.24 27.99 6.43
N PRO A 31 8.69 27.16 5.46
CA PRO A 31 8.38 25.72 5.50
C PRO A 31 8.91 25.08 6.78
N PRO A 32 8.11 24.19 7.41
CA PRO A 32 6.76 23.76 6.97
C PRO A 32 5.65 24.74 7.34
N LEU A 33 4.80 25.07 6.36
CA LEU A 33 3.70 26.01 6.57
C LEU A 33 2.63 25.43 7.50
N VAL A 34 2.45 24.12 7.42
CA VAL A 34 1.53 23.42 8.33
C VAL A 34 2.34 22.36 9.07
N TRP A 35 2.29 22.42 10.40
CA TRP A 35 3.04 21.48 11.23
C TRP A 35 2.48 21.43 12.62
N GLN A 36 3.17 20.71 13.50
CA GLN A 36 2.77 20.61 14.90
C GLN A 36 3.62 21.52 15.78
N TYR A 37 3.06 21.93 16.91
CA TYR A 37 3.74 22.84 17.82
C TYR A 37 3.39 22.59 19.28
N ASN A 38 4.42 22.64 20.12
CA ASN A 38 4.29 22.49 21.56
C ASN A 38 4.71 23.79 22.23
N GLY A 39 3.73 24.56 22.67
CA GLY A 39 4.00 25.82 23.34
C GLY A 39 2.76 26.66 23.56
N PRO A 40 2.93 27.97 23.85
CA PRO A 40 1.81 28.87 24.13
C PRO A 40 0.81 28.99 22.98
N PRO A 41 -0.43 29.40 23.29
CA PRO A 41 -1.44 29.63 22.26
C PRO A 41 -1.12 30.84 21.38
N TYR A 42 -1.10 30.61 20.07
CA TYR A 42 -0.90 31.67 19.08
C TYR A 42 -1.99 31.61 18.02
N ASP A 43 -2.23 32.73 17.35
CA ASP A 43 -3.36 32.86 16.42
C ASP A 43 -3.34 31.90 15.21
N ASP A 44 -2.16 31.55 14.71
CA ASP A 44 -2.10 30.66 13.54
C ASP A 44 -2.39 29.19 13.91
N GLN A 45 -2.80 28.97 15.15
CA GLN A 45 -3.27 27.67 15.59
C GLN A 45 -4.80 27.62 15.60
N LEU A 46 -5.43 28.74 15.23
CA LEU A 46 -6.88 28.84 15.27
C LEU A 46 -7.53 28.54 13.93
N PHE A 47 -8.57 27.71 13.96
CA PHE A 47 -9.28 27.31 12.76
C PHE A 47 -10.79 27.39 12.94
N THR A 48 -11.50 27.45 11.81
CA THR A 48 -12.94 27.24 11.77
C THR A 48 -13.21 26.19 10.71
N LEU A 49 -14.45 25.69 10.67
CA LEU A 49 -14.83 24.73 9.65
C LEU A 49 -15.78 25.35 8.65
N ILE A 50 -15.56 25.02 7.39
CA ILE A 50 -16.54 25.27 6.33
C ILE A 50 -17.26 23.95 6.09
N TYR A 51 -18.57 23.95 6.26
CA TYR A 51 -19.36 22.74 6.13
C TYR A 51 -19.59 22.38 4.67
N GLY A 52 -19.23 21.14 4.31
CA GLY A 52 -19.48 20.64 2.97
C GLY A 52 -20.95 20.33 2.74
N THR A 53 -21.40 20.56 1.50
CA THR A 53 -22.77 20.21 1.11
C THR A 53 -22.75 19.41 -0.18
N GLY A 54 -23.90 18.83 -0.51
CA GLY A 54 -24.05 17.98 -1.70
C GLY A 54 -23.05 16.83 -1.69
N PRO A 55 -22.14 16.82 -2.68
CA PRO A 55 -21.11 15.77 -2.71
C PRO A 55 -20.10 15.87 -1.56
N ARG A 56 -20.10 16.98 -0.83
CA ARG A 56 -19.17 17.15 0.29
C ARG A 56 -19.87 17.03 1.65
N LYS A 57 -21.11 16.55 1.64
CA LYS A 57 -21.83 16.30 2.91
C LYS A 57 -20.99 15.36 3.77
N ASN A 58 -20.84 15.73 5.04
CA ASN A 58 -20.00 15.02 6.02
C ASN A 58 -18.50 15.25 5.85
N LEU A 59 -18.13 16.14 4.91
CA LEU A 59 -16.77 16.64 4.80
C LEU A 59 -16.72 18.13 5.16
N TYR A 60 -15.51 18.59 5.50
CA TYR A 60 -15.31 19.96 6.00
C TYR A 60 -13.97 20.49 5.52
N ALA A 61 -13.93 21.78 5.23
CA ALA A 61 -12.67 22.48 4.98
C ALA A 61 -12.22 23.11 6.29
N ILE A 62 -10.93 23.02 6.56
CA ILE A 62 -10.36 23.54 7.81
C ILE A 62 -9.64 24.84 7.50
N LYS A 63 -10.24 25.95 7.93
CA LYS A 63 -9.82 27.30 7.52
C LYS A 63 -9.13 28.07 8.64
N SER A 64 -7.94 28.60 8.34
CA SER A 64 -7.18 29.41 9.29
C SER A 64 -7.90 30.71 9.62
N VAL A 65 -8.02 31.00 10.91
CA VAL A 65 -8.59 32.27 11.38
C VAL A 65 -7.76 33.48 10.91
N PRO A 66 -6.45 33.53 11.23
CA PRO A 66 -5.71 34.74 10.83
C PRO A 66 -5.46 34.91 9.33
N ASN A 67 -5.20 33.81 8.62
CA ASN A 67 -4.78 33.94 7.21
C ASN A 67 -5.76 33.45 6.15
N GLY A 68 -6.83 32.77 6.59
CA GLY A 68 -7.93 32.40 5.70
C GLY A 68 -7.66 31.21 4.79
N ARG A 69 -6.45 30.67 4.84
CA ARG A 69 -6.14 29.52 3.99
C ARG A 69 -6.71 28.25 4.58
N VAL A 70 -7.04 27.30 3.72
CA VAL A 70 -7.54 26.00 4.17
C VAL A 70 -6.46 24.93 4.08
N LEU A 71 -6.58 23.91 4.92
CA LEU A 71 -5.62 22.81 4.91
C LEU A 71 -5.85 21.89 3.71
N PHE A 72 -4.78 21.25 3.26
CA PHE A 72 -4.92 20.14 2.32
C PHE A 72 -4.05 18.98 2.79
N SER A 73 -4.45 17.78 2.38
CA SER A 73 -3.69 16.57 2.69
C SER A 73 -3.67 15.69 1.45
N ARG A 74 -2.48 15.49 0.91
CA ARG A 74 -2.34 14.82 -0.39
C ARG A 74 -1.15 13.88 -0.40
N THR A 75 -1.04 13.07 -1.46
CA THR A 75 0.07 12.13 -1.61
C THR A 75 0.82 12.30 -2.93
N SER A 76 0.40 13.26 -3.74
CA SER A 76 0.94 13.42 -5.10
C SER A 76 2.20 14.30 -5.18
N ALA A 77 2.31 15.26 -4.26
CA ALA A 77 3.43 16.19 -4.27
C ALA A 77 3.75 16.68 -2.86
N SER A 78 4.99 17.16 -2.68
CA SER A 78 5.39 17.79 -1.43
C SER A 78 5.14 19.30 -1.46
N PRO A 79 4.72 19.89 -0.33
CA PRO A 79 4.44 19.21 0.93
C PRO A 79 3.13 18.42 0.88
N TYR A 80 3.10 17.30 1.60
CA TYR A 80 1.93 16.43 1.65
C TYR A 80 0.79 17.07 2.42
N VAL A 81 1.14 17.75 3.51
CA VAL A 81 0.16 18.49 4.30
C VAL A 81 0.55 19.96 4.19
N GLY A 82 -0.42 20.79 3.82
CA GLY A 82 -0.13 22.20 3.60
C GLY A 82 -1.39 23.04 3.63
N ASN A 83 -1.27 24.27 3.15
CA ASN A 83 -2.43 25.14 3.06
C ASN A 83 -2.52 25.80 1.70
N ILE A 84 -3.70 26.34 1.40
CA ILE A 84 -3.98 26.96 0.13
C ILE A 84 -5.14 27.94 0.32
N ALA A 85 -5.11 29.06 -0.39
CA ALA A 85 -6.17 30.05 -0.30
C ALA A 85 -7.50 29.51 -0.84
N GLY A 86 -8.59 30.16 -0.42
CA GLY A 86 -9.93 29.79 -0.87
C GLY A 86 -10.78 29.23 0.27
N ASP A 87 -11.91 28.64 -0.09
CA ASP A 87 -12.82 28.05 0.87
C ASP A 87 -12.99 26.56 0.62
N GLY A 88 -11.95 25.92 0.10
CA GLY A 88 -12.00 24.52 -0.25
C GLY A 88 -12.24 24.32 -1.73
N THR A 89 -11.48 25.06 -2.54
CA THR A 89 -11.58 24.98 -4.00
C THR A 89 -11.23 23.58 -4.52
N TYR A 90 -10.31 22.90 -3.84
CA TYR A 90 -9.77 21.65 -4.34
C TYR A 90 -10.24 20.45 -3.54
N ASN A 91 -10.34 19.31 -4.20
CA ASN A 91 -10.90 18.11 -3.57
C ASN A 91 -10.16 17.66 -2.31
N ASP A 92 -8.82 17.79 -2.33
CA ASP A 92 -8.02 17.40 -1.17
C ASP A 92 -8.02 18.44 -0.05
N ASN A 93 -8.92 19.43 -0.15
CA ASN A 93 -9.16 20.37 0.95
C ASN A 93 -10.28 19.88 1.86
N TRP A 94 -10.83 18.70 1.58
CA TRP A 94 -12.03 18.26 2.28
C TRP A 94 -11.82 17.10 3.20
N PHE A 95 -12.15 17.29 4.48
CA PHE A 95 -11.83 16.32 5.53
C PHE A 95 -13.07 15.75 6.22
N GLN A 96 -12.97 14.47 6.58
CA GLN A 96 -13.99 13.80 7.37
C GLN A 96 -13.45 13.60 8.79
N PHE A 97 -14.27 13.84 9.79
CA PHE A 97 -13.84 13.62 11.18
C PHE A 97 -14.44 12.32 11.68
N ILE A 98 -13.59 11.30 11.75
CA ILE A 98 -14.07 9.95 12.04
C ILE A 98 -13.77 9.59 13.48
N GLN A 99 -14.82 9.38 14.26
CA GLN A 99 -14.68 8.99 15.66
C GLN A 99 -13.86 7.71 15.80
N ASP A 100 -13.01 7.65 16.83
CA ASP A 100 -12.25 6.44 17.09
C ASP A 100 -13.19 5.36 17.58
N ASP A 101 -12.94 4.11 17.17
CA ASP A 101 -13.81 3.00 17.54
C ASP A 101 -13.65 2.57 18.99
N ASN A 102 -12.54 2.95 19.62
CA ASN A 102 -12.28 2.60 21.01
C ASN A 102 -12.48 3.77 21.95
N ASP A 103 -11.98 4.93 21.56
CA ASP A 103 -12.10 6.15 22.37
C ASP A 103 -13.09 7.12 21.73
N PRO A 104 -14.34 7.14 22.24
CA PRO A 104 -15.36 7.97 21.58
C PRO A 104 -15.08 9.49 21.70
N ASN A 105 -14.10 9.86 22.51
CA ASN A 105 -13.79 11.28 22.73
C ASN A 105 -12.70 11.85 21.81
N SER A 106 -12.21 11.03 20.88
CA SER A 106 -11.26 11.49 19.88
CA SER A 106 -11.24 11.47 19.89
C SER A 106 -11.63 11.05 18.47
N PHE A 107 -10.98 11.64 17.48
CA PHE A 107 -11.30 11.36 16.08
C PHE A 107 -10.05 11.45 15.20
N ARG A 108 -10.16 10.88 14.01
CA ARG A 108 -9.15 11.04 13.00
C ARG A 108 -9.55 12.12 12.03
N ILE A 109 -8.54 12.82 11.52
CA ILE A 109 -8.75 13.84 10.50
C ILE A 109 -8.43 13.19 9.16
N TYR A 110 -9.49 12.76 8.48
CA TYR A 110 -9.38 11.91 7.31
C TYR A 110 -9.64 12.70 6.02
N ASP A 111 -8.85 12.41 4.99
CA ASP A 111 -8.99 13.07 3.70
C ASP A 111 -9.47 12.05 2.66
N LEU A 112 -10.66 12.29 2.10
CA LEU A 112 -11.25 11.36 1.13
C LEU A 112 -10.46 11.32 -0.17
N ALA A 113 -9.96 12.47 -0.61
CA ALA A 113 -9.23 12.55 -1.88
C ALA A 113 -7.95 11.72 -1.84
N SER A 114 -7.24 11.76 -0.72
CA SER A 114 -5.93 11.08 -0.58
C SER A 114 -5.96 9.80 0.26
N ASP A 115 -7.10 9.46 0.85
CA ASP A 115 -7.23 8.28 1.73
C ASP A 115 -6.18 8.31 2.85
N THR A 116 -6.00 9.47 3.47
CA THR A 116 -4.99 9.62 4.52
C THR A 116 -5.59 10.17 5.81
N VAL A 117 -4.87 9.99 6.91
CA VAL A 117 -5.20 10.63 8.19
C VAL A 117 -4.00 11.44 8.70
N LEU A 118 -4.26 12.49 9.47
CA LEU A 118 -3.17 13.30 10.03
C LEU A 118 -2.67 12.66 11.32
N TYR A 119 -1.37 12.80 11.59
CA TYR A 119 -0.82 12.25 12.83
C TYR A 119 0.14 13.22 13.49
N SER A 120 0.32 13.04 14.79
CA SER A 120 1.26 13.83 15.58
C SER A 120 1.98 12.88 16.51
N ARG A 121 3.30 12.83 16.39
CA ARG A 121 4.09 11.91 17.20
C ARG A 121 5.39 12.55 17.66
N THR A 122 6.03 11.92 18.64
CA THR A 122 7.30 12.38 19.18
C THR A 122 8.44 11.43 18.80
N THR A 123 8.12 10.46 17.95
CA THR A 123 9.03 9.36 17.66
C THR A 123 9.87 9.66 16.41
N ALA A 124 9.53 9.05 15.27
CA ALA A 124 10.33 9.17 14.06
C ALA A 124 9.98 10.39 13.21
N ASP A 125 10.99 10.98 12.60
CA ASP A 125 10.80 11.98 11.55
C ASP A 125 10.23 11.31 10.30
N PRO A 126 9.25 11.95 9.64
CA PRO A 126 8.60 13.22 10.00
C PRO A 126 7.60 13.05 11.13
N LYS A 127 7.71 13.91 12.14
CA LYS A 127 6.91 13.78 13.36
C LYS A 127 5.45 14.22 13.20
N PHE A 128 5.17 15.00 12.16
CA PHE A 128 3.80 15.38 11.79
C PHE A 128 3.63 15.07 10.31
N GLY A 129 2.45 14.63 9.91
CA GLY A 129 2.20 14.41 8.49
C GLY A 129 0.90 13.67 8.26
N ASN A 130 0.77 13.08 7.08
CA ASN A 130 -0.39 12.24 6.80
C ASN A 130 0.02 10.79 6.57
N PHE A 131 -0.96 9.89 6.56
CA PHE A 131 -0.68 8.45 6.62
C PHE A 131 -1.86 7.65 6.12
N THR A 132 -1.55 6.66 5.28
CA THR A 132 -2.51 5.67 4.83
C THR A 132 -2.10 4.35 5.44
N GLY A 133 -2.91 3.84 6.36
CA GLY A 133 -2.62 2.56 6.98
C GLY A 133 -3.40 2.29 8.24
N ALA A 134 -2.82 1.44 9.09
CA ALA A 134 -3.48 0.96 10.30
C ALA A 134 -3.82 2.11 11.23
N LYS A 135 -4.84 1.87 12.07
CA LYS A 135 -5.25 2.84 13.08
C LYS A 135 -4.26 2.84 14.25
N TYR A 136 -3.67 4.01 14.50
CA TYR A 136 -2.76 4.17 15.62
C TYR A 136 -3.18 5.35 16.48
N ASP A 137 -2.78 5.31 17.74
CA ASP A 137 -3.15 6.34 18.72
C ASP A 137 -2.66 7.75 18.38
N ASP A 138 -1.54 7.85 17.66
CA ASP A 138 -0.99 9.16 17.34
C ASP A 138 -1.75 9.87 16.21
N GLN A 139 -2.82 9.23 15.75
CA GLN A 139 -3.70 9.79 14.73
C GLN A 139 -4.95 10.41 15.34
N LEU A 140 -5.02 10.43 16.68
CA LEU A 140 -6.23 10.86 17.37
C LEU A 140 -6.15 12.32 17.82
N TRP A 141 -7.23 13.04 17.57
CA TRP A 141 -7.29 14.49 17.78
C TRP A 141 -8.48 14.91 18.60
N HIS A 142 -8.37 16.11 19.17
CA HIS A 142 -9.48 16.80 19.83
C HIS A 142 -9.75 18.13 19.19
N PHE A 143 -11.02 18.54 19.16
CA PHE A 143 -11.37 19.94 18.92
C PHE A 143 -11.24 20.70 20.25
N GLU A 144 -10.41 21.72 20.28
CA GLU A 144 -10.25 22.53 21.50
C GLU A 144 -10.86 23.91 21.25
N LEU A 145 -12.08 24.10 21.74
CA LEU A 145 -12.81 25.35 21.50
C LEU A 145 -12.17 26.47 22.29
N VAL A 146 -12.12 27.66 21.69
CA VAL A 146 -11.52 28.83 22.36
C VAL A 146 -12.57 29.87 22.73
N VAL B 1 -8.48 2.60 5.26
CA VAL B 1 -7.78 2.34 3.97
C VAL B 1 -8.76 1.81 2.93
N ASN B 2 -8.72 2.40 1.73
CA ASN B 2 -9.55 1.92 0.64
C ASN B 2 -9.16 0.52 0.23
N PHE B 3 -10.17 -0.31 -0.06
CA PHE B 3 -9.91 -1.67 -0.51
C PHE B 3 -9.01 -1.62 -1.75
N PRO B 4 -7.86 -2.34 -1.72
CA PRO B 4 -6.89 -2.22 -2.80
C PRO B 4 -7.21 -3.02 -4.07
N ASN B 5 -8.21 -3.92 -4.00
CA ASN B 5 -8.60 -4.73 -5.17
C ASN B 5 -10.04 -4.50 -5.59
N ILE B 6 -10.34 -3.28 -5.96
CA ILE B 6 -11.68 -2.91 -6.44
C ILE B 6 -11.75 -3.25 -7.93
N PRO B 7 -12.83 -3.94 -8.35
CA PRO B 7 -12.99 -4.32 -9.76
C PRO B 7 -12.86 -3.13 -10.70
N ALA B 8 -12.19 -3.34 -11.84
CA ALA B 8 -12.07 -2.29 -12.86
C ALA B 8 -13.45 -1.79 -13.24
N GLU B 9 -13.54 -0.53 -13.61
CA GLU B 9 -14.82 0.06 -13.98
C GLU B 9 -15.51 -0.75 -15.08
N GLY B 10 -16.78 -1.07 -14.87
CA GLY B 10 -17.56 -1.79 -15.88
C GLY B 10 -17.51 -3.30 -15.79
N VAL B 11 -16.56 -3.84 -15.03
CA VAL B 11 -16.45 -5.28 -14.78
C VAL B 11 -17.60 -5.76 -13.92
N GLN B 12 -18.11 -6.95 -14.21
CA GLN B 12 -19.27 -7.50 -13.50
C GLN B 12 -18.86 -8.37 -12.32
N PHE B 13 -19.65 -8.32 -11.25
CA PHE B 13 -19.37 -9.08 -10.04
C PHE B 13 -20.62 -9.27 -9.21
N ARG B 14 -20.55 -10.23 -8.29
CA ARG B 14 -21.50 -10.32 -7.18
C ARG B 14 -20.87 -9.71 -5.93
N LEU B 15 -21.72 -9.27 -5.01
CA LEU B 15 -21.28 -8.83 -3.70
C LEU B 15 -21.72 -9.88 -2.70
N ARG B 16 -20.76 -10.64 -2.20
CA ARG B 16 -21.05 -11.74 -1.25
C ARG B 16 -20.52 -11.42 0.14
N ALA B 17 -21.39 -11.55 1.13
CA ALA B 17 -21.03 -11.31 2.53
C ALA B 17 -20.06 -12.38 2.99
N ARG B 18 -18.96 -11.97 3.64
CA ARG B 18 -17.93 -12.91 4.04
C ARG B 18 -18.46 -13.99 4.97
N ASP B 19 -19.20 -13.58 5.99
CA ASP B 19 -19.63 -14.53 7.02
C ASP B 19 -20.85 -15.38 6.65
N THR B 20 -21.94 -14.75 6.22
CA THR B 20 -23.17 -15.49 5.88
C THR B 20 -23.06 -16.23 4.56
N GLY B 21 -22.29 -15.67 3.62
CA GLY B 21 -22.19 -16.21 2.27
C GLY B 21 -23.35 -15.81 1.39
N TYR B 22 -24.19 -14.89 1.87
CA TYR B 22 -25.33 -14.41 1.10
C TYR B 22 -24.87 -13.34 0.12
N VAL B 23 -25.62 -13.15 -0.96
CA VAL B 23 -25.31 -12.12 -1.95
C VAL B 23 -26.37 -11.03 -1.98
N ILE B 24 -25.98 -9.84 -2.44
CA ILE B 24 -26.92 -8.74 -2.62
C ILE B 24 -27.61 -8.92 -3.97
N TYR B 25 -28.91 -8.64 -4.01
CA TYR B 25 -29.62 -8.53 -5.27
C TYR B 25 -30.28 -7.18 -5.40
N SER B 26 -30.60 -6.81 -6.64
CA SER B 26 -31.24 -5.53 -6.94
C SER B 26 -32.19 -5.75 -8.11
N ARG B 27 -33.48 -5.66 -7.82
CA ARG B 27 -34.53 -5.86 -8.82
C ARG B 27 -35.54 -4.70 -8.80
N THR B 28 -36.43 -4.67 -9.78
CA THR B 28 -37.35 -3.55 -9.96
C THR B 28 -38.77 -3.81 -9.45
N GLU B 29 -39.08 -5.08 -9.18
CA GLU B 29 -40.41 -5.48 -8.73
C GLU B 29 -40.30 -6.43 -7.54
N ASN B 30 -41.36 -6.49 -6.73
CA ASN B 30 -41.48 -7.38 -5.57
C ASN B 30 -40.53 -7.06 -4.42
N PRO B 31 -40.97 -6.22 -3.46
CA PRO B 31 -40.18 -5.86 -2.29
C PRO B 31 -39.84 -7.08 -1.41
N PRO B 32 -38.64 -7.09 -0.79
CA PRO B 32 -37.64 -6.02 -0.86
C PRO B 32 -36.90 -5.99 -2.20
N LEU B 33 -36.74 -4.79 -2.75
CA LEU B 33 -36.13 -4.61 -4.07
C LEU B 33 -34.63 -4.81 -4.03
N VAL B 34 -34.02 -4.44 -2.91
CA VAL B 34 -32.61 -4.70 -2.65
C VAL B 34 -32.53 -5.41 -1.30
N TRP B 35 -31.89 -6.58 -1.30
CA TRP B 35 -31.81 -7.40 -0.09
C TRP B 35 -30.70 -8.40 -0.27
N GLN B 36 -30.55 -9.27 0.73
CA GLN B 36 -29.61 -10.39 0.62
C GLN B 36 -30.33 -11.63 0.14
N TYR B 37 -29.56 -12.57 -0.40
CA TYR B 37 -30.14 -13.79 -0.93
C TYR B 37 -29.21 -14.99 -0.77
N ASN B 38 -29.80 -16.10 -0.33
CA ASN B 38 -29.13 -17.39 -0.25
C ASN B 38 -29.79 -18.36 -1.21
N GLY B 39 -29.19 -18.52 -2.38
CA GLY B 39 -29.71 -19.46 -3.36
C GLY B 39 -28.92 -19.38 -4.65
N PRO B 40 -29.51 -19.89 -5.75
CA PRO B 40 -28.86 -19.97 -7.06
C PRO B 40 -28.44 -18.61 -7.63
N PRO B 41 -27.49 -18.61 -8.57
CA PRO B 41 -27.06 -17.37 -9.22
C PRO B 41 -28.10 -16.85 -10.21
N TYR B 42 -28.53 -15.60 -10.03
CA TYR B 42 -29.44 -14.92 -10.95
C TYR B 42 -28.84 -13.56 -11.35
N ASP B 43 -29.27 -13.05 -12.50
CA ASP B 43 -28.73 -11.79 -13.05
C ASP B 43 -28.93 -10.58 -12.14
N ASP B 44 -30.00 -10.57 -11.34
CA ASP B 44 -30.26 -9.41 -10.46
C ASP B 44 -29.28 -9.33 -9.30
N GLN B 45 -28.35 -10.29 -9.25
CA GLN B 45 -27.27 -10.31 -8.27
C GLN B 45 -25.99 -9.75 -8.87
N LEU B 46 -26.03 -9.38 -10.14
CA LEU B 46 -24.85 -8.88 -10.83
C LEU B 46 -24.78 -7.36 -10.83
N PHE B 47 -23.61 -6.83 -10.51
CA PHE B 47 -23.38 -5.39 -10.46
C PHE B 47 -22.12 -5.00 -11.22
N THR B 48 -22.03 -3.72 -11.56
CA THR B 48 -20.81 -3.10 -12.07
C THR B 48 -20.61 -1.79 -11.31
N LEU B 49 -19.40 -1.24 -11.36
CA LEU B 49 -19.12 0.04 -10.71
C LEU B 49 -18.98 1.15 -11.71
N ILE B 50 -19.55 2.31 -11.39
CA ILE B 50 -19.17 3.56 -12.02
C ILE B 50 -18.16 4.24 -11.10
N TYR B 51 -17.01 4.59 -11.63
CA TYR B 51 -15.96 5.20 -10.82
C TYR B 51 -16.25 6.68 -10.63
N GLY B 52 -16.25 7.13 -9.37
CA GLY B 52 -16.40 8.54 -9.07
C GLY B 52 -15.17 9.33 -9.48
N THR B 53 -15.39 10.56 -9.92
CA THR B 53 -14.31 11.48 -10.29
C THR B 53 -14.56 12.82 -9.61
N GLY B 54 -13.55 13.70 -9.63
CA GLY B 54 -13.66 15.00 -8.97
C GLY B 54 -13.97 14.81 -7.50
N PRO B 55 -15.09 15.41 -7.02
CA PRO B 55 -15.47 15.29 -5.61
C PRO B 55 -15.86 13.87 -5.21
N ARG B 56 -16.08 13.00 -6.19
CA ARG B 56 -16.46 11.61 -5.90
C ARG B 56 -15.29 10.64 -6.07
N LYS B 57 -14.07 11.17 -6.19
CA LYS B 57 -12.90 10.31 -6.24
C LYS B 57 -12.85 9.44 -4.98
N ASN B 58 -12.58 8.15 -5.19
CA ASN B 58 -12.61 7.12 -4.14
C ASN B 58 -14.01 6.68 -3.71
N LEU B 59 -15.03 7.22 -4.39
CA LEU B 59 -16.39 6.72 -4.27
C LEU B 59 -16.84 6.08 -5.57
N TYR B 60 -17.88 5.24 -5.48
CA TYR B 60 -18.33 4.42 -6.61
C TYR B 60 -19.84 4.28 -6.60
N ALA B 61 -20.46 4.30 -7.78
CA ALA B 61 -21.87 3.92 -7.87
C ALA B 61 -21.97 2.43 -8.23
N ILE B 62 -22.91 1.75 -7.60
CA ILE B 62 -23.07 0.31 -7.78
C ILE B 62 -24.32 0.08 -8.63
N LYS B 63 -24.10 -0.25 -9.90
CA LYS B 63 -25.17 -0.33 -10.88
C LYS B 63 -25.59 -1.78 -11.12
N SER B 64 -26.89 -2.02 -11.17
CA SER B 64 -27.41 -3.36 -11.43
C SER B 64 -27.26 -3.68 -12.91
N VAL B 65 -26.76 -4.88 -13.21
CA VAL B 65 -26.61 -5.31 -14.61
C VAL B 65 -27.95 -5.39 -15.37
N PRO B 66 -28.93 -6.19 -14.88
CA PRO B 66 -30.15 -6.35 -15.69
C PRO B 66 -31.06 -5.13 -15.80
N ASN B 67 -31.06 -4.26 -14.79
CA ASN B 67 -32.01 -3.15 -14.78
C ASN B 67 -31.40 -1.75 -14.78
N GLY B 68 -30.09 -1.66 -14.61
CA GLY B 68 -29.38 -0.39 -14.72
C GLY B 68 -29.58 0.61 -13.59
N ARG B 69 -30.29 0.22 -12.54
CA ARG B 69 -30.47 1.12 -11.39
C ARG B 69 -29.22 1.09 -10.55
N VAL B 70 -28.96 2.19 -9.83
CA VAL B 70 -27.85 2.22 -8.88
C VAL B 70 -28.36 2.08 -7.45
N LEU B 71 -27.51 1.55 -6.57
CA LEU B 71 -27.89 1.35 -5.18
C LEU B 71 -27.89 2.66 -4.42
N PHE B 72 -28.72 2.74 -3.39
CA PHE B 72 -28.61 3.80 -2.42
C PHE B 72 -28.65 3.23 -1.00
N SER B 73 -28.04 3.97 -0.07
CA SER B 73 -28.06 3.60 1.33
C SER B 73 -28.22 4.87 2.13
N ARG B 74 -29.34 4.97 2.85
CA ARG B 74 -29.75 6.22 3.50
C ARG B 74 -30.37 5.95 4.87
N THR B 75 -30.52 7.00 5.67
CA THR B 75 -31.15 6.91 6.99
C THR B 75 -32.37 7.82 7.07
N SER B 76 -32.66 8.49 5.95
CA SER B 76 -33.71 9.50 5.88
CA SER B 76 -33.72 9.51 5.89
C SER B 76 -35.11 8.92 5.75
N ALA B 77 -35.24 7.82 5.00
CA ALA B 77 -36.54 7.26 4.70
C ALA B 77 -36.46 5.79 4.32
N SER B 78 -37.50 5.03 4.64
CA SER B 78 -37.62 3.64 4.20
C SER B 78 -38.08 3.57 2.74
N PRO B 79 -37.57 2.60 1.96
CA PRO B 79 -36.54 1.65 2.36
C PRO B 79 -35.16 2.29 2.49
N TYR B 80 -34.42 1.88 3.51
CA TYR B 80 -33.11 2.46 3.80
C TYR B 80 -32.07 2.08 2.76
N VAL B 81 -32.13 0.83 2.30
CA VAL B 81 -31.30 0.40 1.19
C VAL B 81 -32.22 0.10 0.02
N GLY B 82 -31.88 0.64 -1.14
CA GLY B 82 -32.69 0.42 -2.33
C GLY B 82 -31.95 0.76 -3.60
N ASN B 83 -32.72 0.92 -4.67
CA ASN B 83 -32.16 1.26 -5.96
C ASN B 83 -32.92 2.39 -6.63
N ILE B 84 -32.29 3.04 -7.60
CA ILE B 84 -32.89 4.17 -8.29
C ILE B 84 -32.25 4.32 -9.65
N ALA B 85 -33.03 4.81 -10.62
CA ALA B 85 -32.53 5.04 -11.97
C ALA B 85 -31.45 6.11 -12.00
N GLY B 86 -30.61 6.04 -13.03
CA GLY B 86 -29.56 7.02 -13.25
C GLY B 86 -28.20 6.42 -13.04
N ASP B 87 -27.20 7.29 -12.99
CA ASP B 87 -25.81 6.88 -12.84
C ASP B 87 -25.19 7.42 -11.55
N GLY B 88 -26.04 7.76 -10.58
CA GLY B 88 -25.56 8.33 -9.32
C GLY B 88 -25.97 9.78 -9.15
N THR B 89 -27.22 10.08 -9.48
CA THR B 89 -27.74 11.43 -9.39
C THR B 89 -27.64 12.00 -7.96
N TYR B 90 -27.86 11.13 -6.98
CA TYR B 90 -27.97 11.56 -5.58
C TYR B 90 -26.72 11.21 -4.79
N ASN B 91 -26.42 12.02 -3.77
CA ASN B 91 -25.20 11.79 -3.00
C ASN B 91 -25.18 10.44 -2.28
N ASP B 92 -26.36 9.96 -1.87
CA ASP B 92 -26.45 8.65 -1.21
C ASP B 92 -26.35 7.46 -2.18
N ASN B 93 -26.02 7.73 -3.45
CA ASN B 93 -25.71 6.67 -4.42
C ASN B 93 -24.22 6.35 -4.47
N TRP B 94 -23.43 7.01 -3.62
CA TRP B 94 -21.98 6.93 -3.70
C TRP B 94 -21.33 6.24 -2.54
N PHE B 95 -20.59 5.19 -2.87
CA PHE B 95 -20.06 4.28 -1.85
C PHE B 95 -18.54 4.28 -1.83
N GLN B 96 -18.01 4.07 -0.63
CA GLN B 96 -16.59 3.86 -0.42
C GLN B 96 -16.39 2.41 0.01
N PHE B 97 -15.37 1.76 -0.55
CA PHE B 97 -15.05 0.40 -0.13
C PHE B 97 -13.86 0.46 0.80
N ILE B 98 -14.11 0.24 2.08
CA ILE B 98 -13.10 0.42 3.12
C ILE B 98 -12.62 -0.94 3.59
N GLN B 99 -11.34 -1.24 3.35
CA GLN B 99 -10.74 -2.51 3.74
C GLN B 99 -10.88 -2.72 5.24
N ASP B 100 -11.15 -3.95 5.64
CA ASP B 100 -11.17 -4.28 7.06
C ASP B 100 -9.78 -4.12 7.69
N ASP B 101 -9.75 -3.80 8.98
CA ASP B 101 -8.50 -3.58 9.70
C ASP B 101 -7.71 -4.88 9.96
N ASN B 102 -8.42 -6.00 10.01
CA ASN B 102 -7.81 -7.27 10.37
C ASN B 102 -7.71 -8.24 9.18
N ASP B 103 -8.75 -8.25 8.36
CA ASP B 103 -8.83 -9.12 7.18
C ASP B 103 -8.65 -8.29 5.91
N PRO B 104 -7.44 -8.36 5.29
CA PRO B 104 -7.14 -7.53 4.11
C PRO B 104 -8.00 -7.85 2.89
N ASN B 105 -8.70 -8.99 2.90
CA ASN B 105 -9.44 -9.43 1.72
C ASN B 105 -10.92 -9.11 1.75
N SER B 106 -11.36 -8.44 2.82
CA SER B 106 -12.76 -8.01 2.90
CA SER B 106 -12.76 -8.03 2.98
C SER B 106 -12.86 -6.52 3.16
N PHE B 107 -14.04 -5.98 2.90
CA PHE B 107 -14.26 -4.54 2.98
C PHE B 107 -15.66 -4.24 3.49
N ARG B 108 -15.84 -3.01 3.96
CA ARG B 108 -17.17 -2.50 4.27
C ARG B 108 -17.66 -1.69 3.09
N ILE B 109 -18.95 -1.77 2.83
CA ILE B 109 -19.60 -0.97 1.79
C ILE B 109 -20.17 0.26 2.50
N TYR B 110 -19.40 1.34 2.46
CA TYR B 110 -19.67 2.52 3.26
C TYR B 110 -20.28 3.63 2.43
N ASP B 111 -21.23 4.34 3.03
CA ASP B 111 -21.91 5.43 2.33
C ASP B 111 -21.59 6.74 3.03
N LEU B 112 -20.90 7.64 2.33
CA LEU B 112 -20.48 8.92 2.90
C LEU B 112 -21.66 9.83 3.26
N ALA B 113 -22.68 9.87 2.40
CA ALA B 113 -23.85 10.69 2.65
C ALA B 113 -24.57 10.34 3.96
N SER B 114 -24.75 9.04 4.21
CA SER B 114 -25.55 8.59 5.36
C SER B 114 -24.72 8.07 6.54
N ASP B 115 -23.41 7.98 6.37
CA ASP B 115 -22.50 7.45 7.40
C ASP B 115 -22.91 6.04 7.83
N THR B 116 -23.25 5.20 6.85
CA THR B 116 -23.66 3.82 7.14
C THR B 116 -22.80 2.82 6.40
N VAL B 117 -22.79 1.59 6.91
CA VAL B 117 -22.24 0.43 6.20
C VAL B 117 -23.36 -0.58 6.00
N LEU B 118 -23.25 -1.38 4.94
CA LEU B 118 -24.19 -2.48 4.68
C LEU B 118 -23.81 -3.71 5.48
N TYR B 119 -24.83 -4.46 5.89
CA TYR B 119 -24.57 -5.69 6.61
C TYR B 119 -25.45 -6.84 6.15
N SER B 120 -24.98 -8.05 6.45
CA SER B 120 -25.72 -9.27 6.18
C SER B 120 -25.59 -10.18 7.39
N ARG B 121 -26.73 -10.52 8.00
CA ARG B 121 -26.71 -11.44 9.15
C ARG B 121 -27.84 -12.47 9.05
N THR B 122 -27.80 -13.47 9.92
CA THR B 122 -28.83 -14.53 9.95
C THR B 122 -29.66 -14.46 11.23
N THR B 123 -29.44 -13.41 12.02
CA THR B 123 -30.07 -13.30 13.35
C THR B 123 -31.34 -12.46 13.29
N ALA B 124 -31.25 -11.23 13.79
CA ALA B 124 -32.42 -10.36 13.93
C ALA B 124 -32.85 -9.71 12.63
N ASP B 125 -34.16 -9.56 12.46
CA ASP B 125 -34.71 -8.73 11.39
C ASP B 125 -34.47 -7.26 11.75
N PRO B 126 -34.14 -6.42 10.76
CA PRO B 126 -33.90 -6.79 9.36
C PRO B 126 -32.55 -7.48 9.18
N LYS B 127 -32.55 -8.64 8.53
CA LYS B 127 -31.32 -9.44 8.39
C LYS B 127 -30.31 -8.81 7.44
N PHE B 128 -30.81 -7.97 6.55
CA PHE B 128 -29.99 -7.17 5.66
C PHE B 128 -30.36 -5.71 5.84
N GLY B 129 -29.37 -4.82 5.73
CA GLY B 129 -29.65 -3.40 5.83
C GLY B 129 -28.39 -2.58 5.97
N ASN B 130 -28.57 -1.36 6.47
CA ASN B 130 -27.44 -0.49 6.74
C ASN B 130 -27.37 -0.13 8.23
N PHE B 131 -26.26 0.47 8.65
CA PHE B 131 -25.98 0.63 10.07
C PHE B 131 -24.91 1.69 10.31
N THR B 132 -25.19 2.59 11.25
CA THR B 132 -24.21 3.54 11.76
C THR B 132 -23.82 3.13 13.17
N GLY B 133 -22.59 2.66 13.32
CA GLY B 133 -22.11 2.28 14.64
C GLY B 133 -20.86 1.45 14.57
N ALA B 134 -20.67 0.61 15.60
CA ALA B 134 -19.44 -0.15 15.80
C ALA B 134 -19.17 -1.13 14.67
N LYS B 135 -17.91 -1.54 14.55
CA LYS B 135 -17.52 -2.52 13.54
C LYS B 135 -17.91 -3.92 13.99
N TYR B 136 -18.65 -4.61 13.14
CA TYR B 136 -19.01 -6.00 13.34
C TYR B 136 -18.60 -6.77 12.09
N ASP B 137 -18.32 -8.07 12.26
CA ASP B 137 -17.91 -8.92 11.15
C ASP B 137 -19.00 -9.10 10.09
N ASP B 138 -20.27 -8.92 10.48
CA ASP B 138 -21.38 -9.04 9.53
C ASP B 138 -21.44 -7.89 8.50
N GLN B 139 -20.49 -6.96 8.60
CA GLN B 139 -20.40 -5.83 7.67
C GLN B 139 -19.34 -6.08 6.60
N LEU B 140 -18.80 -7.29 6.57
CA LEU B 140 -17.68 -7.61 5.70
C LEU B 140 -18.10 -8.31 4.43
N TRP B 141 -17.61 -7.80 3.30
CA TRP B 141 -18.00 -8.24 1.97
C TRP B 141 -16.82 -8.62 1.11
N HIS B 142 -17.10 -9.45 0.10
CA HIS B 142 -16.15 -9.77 -0.97
C HIS B 142 -16.70 -9.34 -2.30
N PHE B 143 -15.81 -8.90 -3.19
CA PHE B 143 -16.13 -8.84 -4.62
C PHE B 143 -15.96 -10.23 -5.22
N GLU B 144 -17.02 -10.76 -5.82
CA GLU B 144 -16.97 -12.06 -6.48
C GLU B 144 -17.05 -11.87 -8.00
N LEU B 145 -15.91 -12.03 -8.66
CA LEU B 145 -15.80 -11.79 -10.09
C LEU B 145 -16.50 -12.88 -10.89
N VAL B 146 -17.16 -12.48 -11.96
CA VAL B 146 -17.89 -13.43 -12.82
C VAL B 146 -17.35 -13.42 -14.25
N VAL C 1 16.28 -11.30 3.36
CA VAL C 1 17.29 -12.39 3.31
C VAL C 1 16.82 -13.47 2.32
N ASN C 2 17.72 -13.87 1.43
CA ASN C 2 17.41 -14.94 0.48
C ASN C 2 17.19 -16.25 1.23
N PHE C 3 16.19 -17.00 0.79
CA PHE C 3 15.94 -18.30 1.40
C PHE C 3 17.20 -19.16 1.33
N PRO C 4 17.62 -19.72 2.48
CA PRO C 4 18.89 -20.46 2.56
C PRO C 4 18.86 -21.90 2.03
N ASN C 5 17.67 -22.39 1.68
CA ASN C 5 17.53 -23.78 1.20
C ASN C 5 16.83 -23.85 -0.16
N ILE C 6 17.44 -23.21 -1.15
CA ILE C 6 16.93 -23.23 -2.52
C ILE C 6 17.47 -24.50 -3.17
N PRO C 7 16.59 -25.30 -3.82
CA PRO C 7 17.03 -26.55 -4.43
C PRO C 7 18.14 -26.31 -5.45
N ALA C 8 19.09 -27.26 -5.53
CA ALA C 8 20.17 -27.17 -6.50
C ALA C 8 19.60 -27.05 -7.91
N GLU C 9 20.33 -26.39 -8.80
CA GLU C 9 19.88 -26.20 -10.18
C GLU C 9 19.52 -27.53 -10.83
N GLY C 10 18.34 -27.60 -11.44
CA GLY C 10 17.89 -28.82 -12.11
C GLY C 10 17.12 -29.81 -11.26
N VAL C 11 17.19 -29.65 -9.93
CA VAL C 11 16.48 -30.54 -9.01
C VAL C 11 14.97 -30.27 -9.12
N GLN C 12 14.18 -31.35 -9.19
CA GLN C 12 12.74 -31.22 -9.36
C GLN C 12 12.03 -31.01 -8.03
N PHE C 13 11.01 -30.16 -8.05
CA PHE C 13 10.23 -29.88 -6.85
C PHE C 13 8.82 -29.42 -7.22
N ARG C 14 7.93 -29.49 -6.23
CA ARG C 14 6.65 -28.79 -6.29
C ARG C 14 6.77 -27.52 -5.48
N LEU C 15 5.94 -26.53 -5.80
CA LEU C 15 5.85 -25.32 -4.98
C LEU C 15 4.52 -25.38 -4.26
N ARG C 16 4.58 -25.56 -2.94
CA ARG C 16 3.39 -25.72 -2.11
C ARG C 16 3.25 -24.56 -1.14
N ALA C 17 2.06 -24.00 -1.08
CA ALA C 17 1.79 -22.88 -0.18
C ALA C 17 1.69 -23.38 1.24
N ARG C 18 2.30 -22.68 2.19
CA ARG C 18 2.35 -23.11 3.58
C ARG C 18 0.96 -23.29 4.19
N ASP C 19 0.11 -22.28 4.00
CA ASP C 19 -1.18 -22.22 4.69
C ASP C 19 -2.28 -23.02 4.00
N THR C 20 -2.49 -22.81 2.70
CA THR C 20 -3.52 -23.56 1.98
C THR C 20 -3.12 -25.01 1.73
N GLY C 21 -1.82 -25.25 1.53
CA GLY C 21 -1.33 -26.56 1.15
C GLY C 21 -1.55 -26.87 -0.32
N TYR C 22 -1.99 -25.88 -1.10
CA TYR C 22 -2.15 -26.06 -2.54
C TYR C 22 -0.79 -25.94 -3.24
N VAL C 23 -0.69 -26.54 -4.42
CA VAL C 23 0.53 -26.44 -5.23
C VAL C 23 0.29 -25.64 -6.50
N ILE C 24 1.36 -25.06 -7.04
CA ILE C 24 1.30 -24.36 -8.31
C ILE C 24 1.39 -25.39 -9.44
N TYR C 25 0.62 -25.19 -10.50
CA TYR C 25 0.81 -25.96 -11.73
C TYR C 25 1.06 -25.04 -12.91
N SER C 26 1.64 -25.60 -13.98
CA SER C 26 1.96 -24.84 -15.17
C SER C 26 1.77 -25.75 -16.39
N ARG C 27 0.74 -25.47 -17.17
CA ARG C 27 0.40 -26.27 -18.35
C ARG C 27 0.24 -25.38 -19.59
N THR C 28 0.19 -25.98 -20.77
CA THR C 28 0.19 -25.21 -22.02
C THR C 28 -1.19 -24.94 -22.61
N GLU C 29 -2.19 -25.69 -22.16
CA GLU C 29 -3.55 -25.55 -22.67
C GLU C 29 -4.56 -25.61 -21.52
N ASN C 30 -5.76 -25.10 -21.78
CA ASN C 30 -6.87 -25.10 -20.81
C ASN C 30 -6.65 -24.11 -19.66
N PRO C 31 -7.18 -22.88 -19.80
CA PRO C 31 -7.00 -21.85 -18.78
CA PRO C 31 -7.02 -21.84 -18.78
C PRO C 31 -7.74 -22.19 -17.48
N PRO C 32 -7.21 -21.74 -16.32
CA PRO C 32 -5.97 -20.97 -16.12
C PRO C 32 -4.73 -21.85 -16.33
N LEU C 33 -3.78 -21.35 -17.14
CA LEU C 33 -2.59 -22.11 -17.49
C LEU C 33 -1.63 -22.25 -16.33
N VAL C 34 -1.62 -21.25 -15.45
CA VAL C 34 -0.86 -21.30 -14.20
C VAL C 34 -1.83 -20.94 -13.08
N TRP C 35 -1.96 -21.83 -12.10
CA TRP C 35 -2.89 -21.63 -10.99
C TRP C 35 -2.49 -22.48 -9.82
N GLN C 36 -3.31 -22.47 -8.77
CA GLN C 36 -3.08 -23.34 -7.62
C GLN C 36 -3.99 -24.56 -7.75
N TYR C 37 -3.60 -25.64 -7.07
CA TYR C 37 -4.31 -26.90 -7.21
C TYR C 37 -4.27 -27.71 -5.93
N ASN C 38 -5.42 -28.26 -5.58
CA ASN C 38 -5.55 -29.19 -4.47
C ASN C 38 -6.03 -30.53 -5.01
N GLY C 39 -5.10 -31.45 -5.20
CA GLY C 39 -5.44 -32.79 -5.67
C GLY C 39 -4.21 -33.64 -5.87
N PRO C 40 -4.33 -34.72 -6.67
CA PRO C 40 -3.23 -35.68 -6.84
C PRO C 40 -1.97 -35.05 -7.45
N PRO C 41 -0.80 -35.67 -7.19
CA PRO C 41 0.44 -35.23 -7.83
C PRO C 41 0.43 -35.49 -9.33
N TYR C 42 0.64 -34.42 -10.11
CA TYR C 42 0.76 -34.52 -11.57
C TYR C 42 2.05 -33.83 -12.01
N ASP C 43 2.56 -34.25 -13.18
CA ASP C 43 3.82 -33.73 -13.70
C ASP C 43 3.81 -32.22 -13.98
N ASP C 44 2.64 -31.66 -14.31
CA ASP C 44 2.57 -30.21 -14.57
C ASP C 44 2.70 -29.35 -13.29
N GLN C 45 2.88 -30.03 -12.16
CA GLN C 45 3.15 -29.37 -10.89
C GLN C 45 4.64 -29.43 -10.55
N LEU C 46 5.42 -30.07 -11.42
CA LEU C 46 6.86 -30.21 -11.19
C LEU C 46 7.63 -29.12 -11.90
N PHE C 47 8.59 -28.55 -11.17
CA PHE C 47 9.44 -27.47 -11.67
C PHE C 47 10.91 -27.74 -11.39
N THR C 48 11.77 -27.08 -12.15
CA THR C 48 13.18 -26.96 -11.81
C THR C 48 13.56 -25.48 -11.82
N LEU C 49 14.72 -25.16 -11.28
CA LEU C 49 15.24 -23.79 -11.33
C LEU C 49 16.38 -23.64 -12.31
N ILE C 50 16.32 -22.56 -13.09
CA ILE C 50 17.47 -22.07 -13.81
C ILE C 50 18.09 -20.99 -12.93
N TYR C 51 19.36 -21.15 -12.58
CA TYR C 51 20.04 -20.19 -11.72
C TYR C 51 20.48 -18.96 -12.52
N GLY C 52 20.04 -17.79 -12.08
CA GLY C 52 20.49 -16.54 -12.67
C GLY C 52 21.96 -16.32 -12.35
N THR C 53 22.68 -15.72 -13.29
CA THR C 53 24.08 -15.36 -13.10
C THR C 53 24.29 -13.92 -13.51
N GLY C 54 25.43 -13.37 -13.11
CA GLY C 54 25.77 -11.98 -13.42
C GLY C 54 24.73 -11.04 -12.83
N PRO C 55 24.06 -10.26 -13.68
CA PRO C 55 23.03 -9.33 -13.22
C PRO C 55 21.80 -10.02 -12.64
N ARG C 56 21.66 -11.31 -12.90
CA ARG C 56 20.54 -12.09 -12.40
CA ARG C 56 20.54 -12.10 -12.40
C ARG C 56 20.93 -12.97 -11.21
N LYS C 57 22.13 -12.75 -10.68
CA LYS C 57 22.56 -13.47 -9.48
C LYS C 57 21.53 -13.24 -8.37
N ASN C 58 21.16 -14.33 -7.71
CA ASN C 58 20.13 -14.34 -6.66
C ASN C 58 18.69 -14.32 -7.20
N LEU C 59 18.56 -14.42 -8.52
CA LEU C 59 17.27 -14.60 -9.17
C LEU C 59 17.25 -15.95 -9.91
N TYR C 60 16.05 -16.46 -10.14
CA TYR C 60 15.87 -17.81 -10.68
C TYR C 60 14.69 -17.85 -11.63
N ALA C 61 14.81 -18.64 -12.69
CA ALA C 61 13.64 -18.92 -13.54
C ALA C 61 13.05 -20.25 -13.11
N ILE C 62 11.73 -20.32 -13.05
CA ILE C 62 11.02 -21.51 -12.57
C ILE C 62 10.45 -22.26 -13.78
N LYS C 63 11.13 -23.35 -14.15
CA LYS C 63 10.86 -24.06 -15.41
CA LYS C 63 10.86 -24.06 -15.41
C LYS C 63 10.02 -25.32 -15.21
N SER C 64 8.95 -25.44 -16.00
CA SER C 64 8.08 -26.61 -15.98
C SER C 64 8.79 -27.86 -16.51
N VAL C 65 8.69 -28.96 -15.77
CA VAL C 65 9.29 -30.24 -16.17
C VAL C 65 8.68 -30.79 -17.48
N PRO C 66 7.34 -30.98 -17.53
CA PRO C 66 6.76 -31.59 -18.73
C PRO C 66 6.77 -30.71 -19.98
N ASN C 67 6.63 -29.40 -19.82
CA ASN C 67 6.44 -28.55 -21.00
C ASN C 67 7.53 -27.50 -21.28
N GLY C 68 8.42 -27.31 -20.31
CA GLY C 68 9.58 -26.44 -20.48
C GLY C 68 9.33 -24.94 -20.35
N ARG C 69 8.07 -24.54 -20.23
CA ARG C 69 7.77 -23.12 -20.07
C ARG C 69 8.25 -22.64 -18.71
N VAL C 70 8.67 -21.37 -18.65
CA VAL C 70 9.04 -20.75 -17.36
C VAL C 70 7.91 -19.86 -16.88
N LEU C 71 7.81 -19.68 -15.56
CA LEU C 71 6.78 -18.82 -14.99
C LEU C 71 7.10 -17.36 -15.23
N PHE C 72 6.06 -16.54 -15.28
CA PHE C 72 6.22 -15.09 -15.22
C PHE C 72 5.19 -14.50 -14.28
N SER C 73 5.49 -13.32 -13.77
CA SER C 73 4.58 -12.58 -12.92
C SER C 73 4.67 -11.12 -13.31
N ARG C 74 3.57 -10.58 -13.82
CA ARG C 74 3.55 -9.23 -14.39
C ARG C 74 2.30 -8.47 -13.97
N THR C 75 2.29 -7.17 -14.23
CA THR C 75 1.11 -6.36 -13.98
C THR C 75 0.65 -5.58 -15.23
N SER C 76 1.29 -5.87 -16.37
CA SER C 76 1.01 -5.15 -17.62
CA SER C 76 1.01 -5.15 -17.62
C SER C 76 -0.19 -5.68 -18.40
N ALA C 77 -0.45 -6.98 -18.28
CA ALA C 77 -1.54 -7.62 -19.02
C ALA C 77 -1.96 -8.92 -18.35
N SER C 78 -3.19 -9.36 -18.65
CA SER C 78 -3.65 -10.66 -18.22
C SER C 78 -3.28 -11.73 -19.25
N PRO C 79 -2.95 -12.95 -18.80
CA PRO C 79 -2.89 -13.32 -17.38
C PRO C 79 -1.68 -12.72 -16.66
N TYR C 80 -1.90 -12.26 -15.42
CA TYR C 80 -0.83 -11.65 -14.63
C TYR C 80 0.23 -12.67 -14.22
N VAL C 81 -0.21 -13.86 -13.84
CA VAL C 81 0.72 -14.96 -13.59
C VAL C 81 0.55 -15.98 -14.71
N GLY C 82 1.67 -16.37 -15.31
CA GLY C 82 1.59 -17.24 -16.47
C GLY C 82 2.87 -17.97 -16.78
N ASN C 83 2.92 -18.55 -17.97
CA ASN C 83 4.10 -19.28 -18.40
C ASN C 83 4.44 -18.97 -19.84
N ILE C 84 5.68 -19.21 -20.21
CA ILE C 84 6.17 -18.86 -21.52
C ILE C 84 7.42 -19.64 -21.85
N ALA C 85 7.55 -20.05 -23.11
CA ALA C 85 8.72 -20.78 -23.58
C ALA C 85 9.98 -19.94 -23.47
N GLY C 86 11.11 -20.62 -23.60
CA GLY C 86 12.39 -20.00 -23.39
C GLY C 86 12.98 -20.49 -22.08
N ASP C 87 14.10 -19.88 -21.72
CA ASP C 87 14.79 -20.22 -20.51
C ASP C 87 15.03 -18.95 -19.73
N GLY C 88 13.98 -18.14 -19.62
CA GLY C 88 14.08 -16.84 -18.95
C GLY C 88 14.50 -15.72 -19.89
N THR C 89 13.95 -15.74 -21.10
CA THR C 89 14.20 -14.69 -22.10
C THR C 89 13.77 -13.30 -21.59
N TYR C 90 12.68 -13.27 -20.83
CA TYR C 90 12.02 -12.02 -20.44
C TYR C 90 12.28 -11.63 -18.99
N ASN C 91 12.40 -10.33 -18.74
CA ASN C 91 12.72 -9.82 -17.41
C ASN C 91 11.81 -10.34 -16.30
N ASP C 92 10.51 -10.42 -16.59
CA ASP C 92 9.54 -10.88 -15.60
C ASP C 92 9.50 -12.41 -15.40
N ASN C 93 10.48 -13.10 -15.97
CA ASN C 93 10.65 -14.55 -15.74
C ASN C 93 11.56 -14.84 -14.54
N TRP C 94 12.04 -13.78 -13.89
CA TRP C 94 13.08 -13.94 -12.87
C TRP C 94 12.65 -13.62 -11.47
N PHE C 95 12.77 -14.63 -10.60
CA PHE C 95 12.22 -14.57 -9.26
C PHE C 95 13.30 -14.64 -8.19
N GLN C 96 13.06 -13.92 -7.10
CA GLN C 96 13.90 -13.98 -5.91
C GLN C 96 13.12 -14.75 -4.85
N PHE C 97 13.80 -15.60 -4.10
CA PHE C 97 13.13 -16.32 -3.02
C PHE C 97 13.53 -15.68 -1.69
N ILE C 98 12.60 -14.93 -1.10
CA ILE C 98 12.89 -14.14 0.09
C ILE C 98 12.32 -14.82 1.32
N GLN C 99 13.22 -15.24 2.21
CA GLN C 99 12.85 -15.91 3.45
C GLN C 99 11.94 -15.02 4.29
N ASP C 100 10.94 -15.63 4.93
CA ASP C 100 10.10 -14.91 5.88
C ASP C 100 10.86 -14.67 7.18
N ASP C 101 10.66 -13.50 7.79
CA ASP C 101 11.41 -13.14 8.99
C ASP C 101 10.80 -13.67 10.30
N ASN C 102 9.60 -14.24 10.21
CA ASN C 102 8.97 -14.88 11.36
C ASN C 102 8.99 -16.40 11.25
N ASP C 103 8.97 -16.90 10.02
CA ASP C 103 9.02 -18.34 9.77
C ASP C 103 10.16 -18.64 8.81
N PRO C 104 11.31 -19.10 9.35
CA PRO C 104 12.49 -19.32 8.53
C PRO C 104 12.34 -20.48 7.53
N ASN C 105 11.31 -21.29 7.70
CA ASN C 105 11.04 -22.43 6.80
C ASN C 105 10.31 -22.06 5.51
N SER C 106 9.80 -20.82 5.43
CA SER C 106 9.04 -20.40 4.26
CA SER C 106 9.01 -20.38 4.29
C SER C 106 9.61 -19.16 3.59
N PHE C 107 9.15 -18.90 2.38
CA PHE C 107 9.66 -17.80 1.57
C PHE C 107 8.58 -17.23 0.68
N ARG C 108 8.82 -16.01 0.20
CA ARG C 108 7.99 -15.38 -0.81
C ARG C 108 8.62 -15.58 -2.18
N ILE C 109 7.76 -15.76 -3.17
CA ILE C 109 8.20 -15.86 -4.56
C ILE C 109 8.07 -14.46 -5.18
N TYR C 110 9.19 -13.74 -5.16
CA TYR C 110 9.21 -12.32 -5.52
C TYR C 110 9.72 -12.05 -6.93
N ASP C 111 9.00 -11.20 -7.66
CA ASP C 111 9.40 -10.85 -9.02
C ASP C 111 9.97 -9.43 -9.04
N LEU C 112 11.26 -9.33 -9.39
CA LEU C 112 11.95 -8.04 -9.38
C LEU C 112 11.40 -7.10 -10.46
N ALA C 113 11.09 -7.64 -11.64
CA ALA C 113 10.56 -6.82 -12.73
C ALA C 113 9.23 -6.15 -12.38
N SER C 114 8.33 -6.91 -11.74
CA SER C 114 6.99 -6.39 -11.48
C SER C 114 6.75 -5.96 -10.03
N ASP C 115 7.73 -6.19 -9.16
CA ASP C 115 7.61 -5.87 -7.73
C ASP C 115 6.39 -6.56 -7.10
N THR C 116 6.18 -7.83 -7.45
CA THR C 116 5.05 -8.61 -6.94
C THR C 116 5.49 -9.89 -6.23
N VAL C 117 4.62 -10.41 -5.37
CA VAL C 117 4.79 -11.75 -4.79
C VAL C 117 3.59 -12.62 -5.18
N LEU C 118 3.79 -13.93 -5.25
CA LEU C 118 2.69 -14.85 -5.51
C LEU C 118 1.96 -15.20 -4.21
N TYR C 119 0.65 -15.36 -4.29
CA TYR C 119 -0.12 -15.74 -3.11
C TYR C 119 -1.08 -16.89 -3.40
N SER C 120 -1.45 -17.62 -2.34
CA SER C 120 -2.42 -18.70 -2.41
C SER C 120 -3.40 -18.60 -1.26
N ARG C 121 -4.69 -18.54 -1.56
CA ARG C 121 -5.72 -18.48 -0.52
C ARG C 121 -6.98 -19.26 -0.90
N THR C 122 -7.86 -19.47 0.08
CA THR C 122 -9.06 -20.27 -0.13
C THR C 122 -10.34 -19.43 -0.23
N THR C 123 -10.22 -18.11 -0.07
CA THR C 123 -11.40 -17.27 0.11
C THR C 123 -11.76 -16.32 -1.05
N ALA C 124 -11.20 -15.11 -1.02
CA ALA C 124 -11.60 -14.03 -1.92
C ALA C 124 -10.92 -14.09 -3.29
N ASP C 125 -11.67 -13.71 -4.33
CA ASP C 125 -11.17 -13.70 -5.72
C ASP C 125 -10.18 -12.57 -6.03
N PRO C 126 -9.15 -12.86 -6.83
CA PRO C 126 -8.71 -14.19 -7.29
C PRO C 126 -7.99 -14.96 -6.19
N LYS C 127 -8.26 -16.26 -6.07
CA LYS C 127 -7.70 -17.08 -4.99
C LYS C 127 -6.21 -17.36 -5.13
N PHE C 128 -5.70 -17.28 -6.36
CA PHE C 128 -4.27 -17.37 -6.65
C PHE C 128 -3.93 -16.17 -7.53
N GLY C 129 -2.74 -15.61 -7.35
CA GLY C 129 -2.32 -14.49 -8.18
C GLY C 129 -1.05 -13.84 -7.68
N ASN C 130 -0.83 -12.60 -8.14
CA ASN C 130 0.30 -11.82 -7.66
C ASN C 130 -0.17 -10.55 -6.96
N PHE C 131 0.74 -9.92 -6.23
CA PHE C 131 0.35 -8.85 -5.31
C PHE C 131 1.53 -7.96 -4.95
N THR C 132 1.29 -6.66 -4.95
CA THR C 132 2.26 -5.68 -4.48
C THR C 132 1.71 -5.01 -3.24
N GLY C 133 2.36 -5.23 -2.11
CA GLY C 133 1.89 -4.65 -0.85
C GLY C 133 2.45 -5.35 0.36
N ALA C 134 1.75 -5.21 1.49
CA ALA C 134 2.20 -5.72 2.78
C ALA C 134 2.44 -7.23 2.77
N LYS C 135 3.19 -7.69 3.76
CA LYS C 135 3.46 -9.11 3.94
C LYS C 135 2.29 -9.80 4.62
N TYR C 136 1.77 -10.84 3.98
CA TYR C 136 0.71 -11.66 4.55
C TYR C 136 1.09 -13.12 4.49
N ASP C 137 0.49 -13.93 5.36
CA ASP C 137 0.83 -15.34 5.47
C ASP C 137 0.55 -16.14 4.18
N ASP C 138 -0.43 -15.71 3.40
CA ASP C 138 -0.83 -16.43 2.18
C ASP C 138 0.19 -16.28 1.04
N GLN C 139 1.25 -15.53 1.31
CA GLN C 139 2.35 -15.35 0.36
C GLN C 139 3.52 -16.29 0.65
N LEU C 140 3.34 -17.19 1.61
CA LEU C 140 4.45 -18.04 2.04
C LEU C 140 4.42 -19.41 1.38
N TRP C 141 5.57 -19.80 0.82
CA TRP C 141 5.72 -21.03 0.05
C TRP C 141 6.81 -21.93 0.56
N HIS C 142 6.74 -23.20 0.14
CA HIS C 142 7.76 -24.21 0.38
C HIS C 142 8.21 -24.82 -0.91
N PHE C 143 9.48 -25.22 -0.97
CA PHE C 143 9.95 -26.13 -2.00
C PHE C 143 9.69 -27.55 -1.50
N GLU C 144 9.01 -28.35 -2.31
CA GLU C 144 8.75 -29.74 -1.96
C GLU C 144 9.46 -30.66 -2.94
N LEU C 145 10.58 -31.22 -2.49
CA LEU C 145 11.38 -32.12 -3.33
C LEU C 145 10.64 -33.41 -3.63
N VAL C 146 10.89 -33.99 -4.80
CA VAL C 146 10.26 -35.23 -5.22
C VAL C 146 11.27 -36.38 -5.36
N VAL D 1 7.88 -3.89 -1.31
CA VAL D 1 7.37 -2.82 -2.22
C VAL D 1 8.47 -1.80 -2.47
N ASN D 2 8.69 -1.47 -3.74
CA ASN D 2 9.63 -0.43 -4.10
C ASN D 2 9.21 0.93 -3.57
N PHE D 3 10.18 1.68 -3.06
CA PHE D 3 9.88 3.02 -2.55
C PHE D 3 9.21 3.84 -3.65
N PRO D 4 8.04 4.45 -3.33
CA PRO D 4 7.21 5.08 -4.36
C PRO D 4 7.71 6.45 -4.83
N ASN D 5 8.69 7.01 -4.13
CA ASN D 5 9.19 8.35 -4.46
C ASN D 5 10.70 8.38 -4.61
N ILE D 6 11.17 7.62 -5.61
CA ILE D 6 12.59 7.58 -5.94
C ILE D 6 12.89 8.77 -6.85
N PRO D 7 13.94 9.55 -6.53
CA PRO D 7 14.29 10.71 -7.35
C PRO D 7 14.47 10.35 -8.82
N ALA D 8 14.02 11.24 -9.70
CA ALA D 8 14.19 11.07 -11.14
C ALA D 8 15.67 11.03 -11.49
N GLU D 9 16.00 10.35 -12.58
CA GLU D 9 17.39 10.29 -13.03
C GLU D 9 17.95 11.70 -13.16
N GLY D 10 19.13 11.92 -12.59
CA GLY D 10 19.81 13.22 -12.70
C GLY D 10 19.55 14.17 -11.54
N VAL D 11 18.47 13.95 -10.81
CA VAL D 11 18.13 14.77 -9.63
C VAL D 11 19.11 14.48 -8.50
N GLN D 12 19.55 15.54 -7.83
CA GLN D 12 20.53 15.41 -6.74
C GLN D 12 19.88 15.31 -5.36
N PHE D 13 20.51 14.55 -4.47
CA PHE D 13 19.99 14.32 -3.13
C PHE D 13 21.09 13.88 -2.18
N ARG D 14 20.81 13.99 -0.88
CA ARG D 14 21.59 13.32 0.15
C ARG D 14 20.84 12.09 0.62
N LEU D 15 21.58 11.13 1.13
CA LEU D 15 20.97 9.96 1.76
C LEU D 15 21.14 10.11 3.27
N ARG D 16 20.02 10.32 3.96
CA ARG D 16 20.04 10.54 5.40
C ARG D 16 19.33 9.42 6.16
N ALA D 17 20.00 8.89 7.18
CA ALA D 17 19.41 7.82 8.00
C ALA D 17 18.31 8.40 8.86
N ARG D 18 17.19 7.69 8.93
CA ARG D 18 16.01 8.17 9.66
C ARG D 18 16.32 8.41 11.14
N ASP D 19 16.92 7.40 11.78
CA ASP D 19 17.11 7.46 13.23
C ASP D 19 18.33 8.27 13.69
N THR D 20 19.50 7.99 13.14
CA THR D 20 20.71 8.73 13.54
C THR D 20 20.70 10.16 13.03
N GLY D 21 20.08 10.37 11.86
CA GLY D 21 20.13 11.65 11.17
C GLY D 21 21.45 11.91 10.47
N TYR D 22 22.29 10.88 10.41
CA TYR D 22 23.58 10.99 9.73
C TYR D 22 23.40 10.85 8.23
N VAL D 23 24.32 11.41 7.45
CA VAL D 23 24.28 11.30 6.00
C VAL D 23 25.45 10.45 5.50
N ILE D 24 25.28 9.87 4.32
CA ILE D 24 26.35 9.11 3.69
C ILE D 24 27.24 10.10 2.93
N TYR D 25 28.55 9.94 3.07
CA TYR D 25 29.47 10.64 2.18
C TYR D 25 30.22 9.62 1.32
N SER D 26 30.70 10.09 0.17
CA SER D 26 31.51 9.26 -0.72
C SER D 26 32.63 10.13 -1.28
N ARG D 27 33.82 9.95 -0.72
CA ARG D 27 35.00 10.75 -1.08
C ARG D 27 36.05 9.88 -1.78
N THR D 28 37.09 10.52 -2.32
CA THR D 28 38.08 9.79 -3.13
C THR D 28 39.41 9.50 -2.41
N GLU D 29 39.53 9.93 -1.15
CA GLU D 29 40.73 9.68 -0.35
C GLU D 29 40.36 9.54 1.12
N ASN D 30 41.28 8.98 1.90
CA ASN D 30 41.12 8.80 3.35
C ASN D 30 40.06 7.77 3.74
N PRO D 31 40.47 6.50 3.89
CA PRO D 31 39.55 5.46 4.33
C PRO D 31 38.96 5.79 5.70
N PRO D 32 37.65 5.53 5.89
CA PRO D 32 36.71 4.98 4.91
C PRO D 32 36.25 5.99 3.85
N LEU D 33 36.31 5.61 2.58
CA LEU D 33 35.88 6.48 1.48
C LEU D 33 34.36 6.69 1.50
N VAL D 34 33.63 5.67 1.96
CA VAL D 34 32.18 5.78 2.13
C VAL D 34 31.86 5.49 3.59
N TRP D 35 31.19 6.44 4.23
CA TRP D 35 30.85 6.32 5.66
C TRP D 35 29.73 7.26 5.98
N GLN D 36 29.40 7.37 7.25
CA GLN D 36 28.36 8.28 7.70
C GLN D 36 28.96 9.51 8.35
N TYR D 37 28.22 10.62 8.30
CA TYR D 37 28.70 11.88 8.86
C TYR D 37 27.57 12.67 9.54
N ASN D 38 27.90 13.27 10.68
CA ASN D 38 27.01 14.11 11.46
C ASN D 38 27.48 15.56 11.43
N GLY D 39 26.87 16.36 10.56
CA GLY D 39 27.23 17.78 10.47
C GLY D 39 26.72 18.48 9.24
N PRO D 40 27.31 19.64 8.90
CA PRO D 40 26.87 20.48 7.80
C PRO D 40 26.98 19.79 6.43
N PRO D 41 26.24 20.31 5.43
CA PRO D 41 26.35 19.82 4.06
C PRO D 41 27.74 20.03 3.44
N TYR D 42 28.27 18.98 2.83
CA TYR D 42 29.46 19.04 1.98
C TYR D 42 29.15 18.30 0.69
N ASP D 43 29.86 18.64 -0.38
CA ASP D 43 29.54 18.12 -1.72
C ASP D 43 29.61 16.59 -1.85
N ASP D 44 30.49 15.95 -1.08
CA ASP D 44 30.62 14.49 -1.19
C ASP D 44 29.45 13.73 -0.56
N GLN D 45 28.44 14.46 -0.10
CA GLN D 45 27.20 13.86 0.40
C GLN D 45 26.13 13.88 -0.70
N LEU D 46 26.45 14.48 -1.83
CA LEU D 46 25.51 14.59 -2.95
C LEU D 46 25.61 13.41 -3.90
N PHE D 47 24.46 12.82 -4.20
CA PHE D 47 24.37 11.69 -5.11
C PHE D 47 23.28 11.91 -6.16
N THR D 48 23.36 11.11 -7.22
CA THR D 48 22.30 11.03 -8.20
C THR D 48 22.13 9.55 -8.55
N LEU D 49 21.02 9.20 -9.20
CA LEU D 49 20.78 7.80 -9.58
C LEU D 49 20.94 7.58 -11.06
N ILE D 50 21.59 6.47 -11.41
CA ILE D 50 21.53 5.91 -12.76
C ILE D 50 20.42 4.88 -12.73
N TYR D 51 19.41 5.04 -13.58
CA TYR D 51 18.30 4.10 -13.61
C TYR D 51 18.66 2.81 -14.33
N GLY D 52 18.48 1.68 -13.65
CA GLY D 52 18.64 0.38 -14.28
C GLY D 52 17.52 0.10 -15.28
N THR D 53 17.86 -0.61 -16.35
CA THR D 53 16.88 -1.05 -17.34
C THR D 53 17.10 -2.53 -17.63
N GLY D 54 16.17 -3.14 -18.37
CA GLY D 54 16.25 -4.56 -18.71
C GLY D 54 16.34 -5.40 -17.45
N PRO D 55 17.43 -6.19 -17.30
CA PRO D 55 17.65 -7.01 -16.11
C PRO D 55 17.78 -6.19 -14.84
N ARG D 56 18.15 -4.92 -14.97
CA ARG D 56 18.35 -4.06 -13.82
CA ARG D 56 18.38 -4.03 -13.84
C ARG D 56 17.19 -3.10 -13.56
N LYS D 57 16.05 -3.36 -14.20
CA LYS D 57 14.86 -2.58 -13.94
C LYS D 57 14.48 -2.73 -12.46
N ASN D 58 14.17 -1.60 -11.83
CA ASN D 58 13.93 -1.48 -10.40
C ASN D 58 15.19 -1.51 -9.53
N LEU D 59 16.35 -1.53 -10.18
CA LEU D 59 17.63 -1.30 -9.51
C LEU D 59 18.23 0.02 -9.99
N TYR D 60 19.17 0.55 -9.19
CA TYR D 60 19.78 1.86 -9.42
C TYR D 60 21.24 1.87 -9.00
N ALA D 61 22.07 2.60 -9.75
CA ALA D 61 23.43 2.91 -9.30
C ALA D 61 23.41 4.25 -8.59
N ILE D 62 24.14 4.34 -7.48
CA ILE D 62 24.18 5.57 -6.66
C ILE D 62 25.48 6.30 -6.96
N LYS D 63 25.37 7.39 -7.71
CA LYS D 63 26.52 8.07 -8.33
C LYS D 63 26.85 9.38 -7.62
N SER D 64 28.11 9.53 -7.23
CA SER D 64 28.59 10.74 -6.55
C SER D 64 28.53 11.95 -7.48
N VAL D 65 28.00 13.05 -6.96
CA VAL D 65 27.93 14.30 -7.71
C VAL D 65 29.33 14.89 -7.99
N PRO D 66 30.17 15.09 -6.94
CA PRO D 66 31.50 15.68 -7.21
C PRO D 66 32.47 14.76 -7.97
N ASN D 67 32.49 13.48 -7.63
CA ASN D 67 33.54 12.58 -8.13
C ASN D 67 33.11 11.49 -9.12
N GLY D 68 31.81 11.33 -9.32
CA GLY D 68 31.30 10.43 -10.36
C GLY D 68 31.37 8.94 -10.08
N ARG D 69 32.02 8.56 -8.97
CA ARG D 69 32.09 7.14 -8.59
C ARG D 69 30.74 6.65 -8.10
N VAL D 70 30.48 5.36 -8.27
CA VAL D 70 29.24 4.76 -7.81
C VAL D 70 29.51 3.93 -6.57
N LEU D 71 28.48 3.78 -5.74
CA LEU D 71 28.61 3.00 -4.52
C LEU D 71 28.58 1.50 -4.82
N PHE D 72 29.20 0.74 -3.92
CA PHE D 72 29.02 -0.71 -3.93
C PHE D 72 28.79 -1.22 -2.51
N SER D 73 28.15 -2.38 -2.44
CA SER D 73 27.90 -3.04 -1.17
C SER D 73 28.09 -4.53 -1.36
N ARG D 74 29.11 -5.07 -0.69
CA ARG D 74 29.50 -6.47 -0.88
C ARG D 74 29.88 -7.11 0.45
N THR D 75 30.05 -8.44 0.45
CA THR D 75 30.41 -9.18 1.66
C THR D 75 31.67 -10.01 1.43
N SER D 76 32.19 -9.92 0.21
CA SER D 76 33.35 -10.72 -0.22
CA SER D 76 33.34 -10.73 -0.20
C SER D 76 34.65 -10.27 0.44
N ALA D 77 34.92 -8.97 0.39
CA ALA D 77 36.15 -8.40 0.95
C ALA D 77 35.97 -6.95 1.37
N SER D 78 36.85 -6.49 2.26
CA SER D 78 36.86 -5.11 2.72
C SER D 78 37.50 -4.18 1.68
N PRO D 79 36.99 -2.93 1.56
CA PRO D 79 35.86 -2.44 2.35
C PRO D 79 34.54 -3.01 1.82
N TYR D 80 33.60 -3.26 2.73
CA TYR D 80 32.31 -3.86 2.36
C TYR D 80 31.40 -2.88 1.63
N VAL D 81 31.42 -1.64 2.09
CA VAL D 81 30.73 -0.54 1.43
C VAL D 81 31.79 0.44 0.94
N GLY D 82 31.71 0.81 -0.33
CA GLY D 82 32.72 1.67 -0.92
C GLY D 82 32.23 2.30 -2.20
N ASN D 83 33.17 2.90 -2.93
CA ASN D 83 32.86 3.49 -4.23
C ASN D 83 33.85 3.03 -5.31
N ILE D 84 33.45 3.18 -6.56
CA ILE D 84 34.25 2.70 -7.68
C ILE D 84 33.89 3.47 -8.95
N ALA D 85 34.89 3.69 -9.80
CA ALA D 85 34.68 4.37 -11.06
C ALA D 85 33.79 3.54 -11.97
N GLY D 86 33.21 4.23 -12.94
CA GLY D 86 32.29 3.62 -13.87
C GLY D 86 30.89 4.10 -13.59
N ASP D 87 29.94 3.45 -14.24
CA ASP D 87 28.56 3.82 -14.14
C ASP D 87 27.73 2.57 -13.83
N GLY D 88 28.28 1.71 -12.98
CA GLY D 88 27.61 0.48 -12.57
C GLY D 88 28.12 -0.74 -13.33
N THR D 89 29.44 -0.78 -13.53
CA THR D 89 30.11 -1.88 -14.24
C THR D 89 29.92 -3.21 -13.53
N TYR D 90 29.89 -3.18 -12.20
CA TYR D 90 29.86 -4.37 -11.38
C TYR D 90 28.48 -4.66 -10.82
N ASN D 91 28.16 -5.93 -10.67
CA ASN D 91 26.86 -6.36 -10.15
C ASN D 91 26.50 -5.72 -8.80
N ASP D 92 27.48 -5.62 -7.91
CA ASP D 92 27.25 -5.08 -6.57
C ASP D 92 27.16 -3.54 -6.53
N ASN D 93 27.07 -2.91 -7.72
CA ASN D 93 26.82 -1.47 -7.82
C ASN D 93 25.32 -1.16 -7.94
N TRP D 94 24.48 -2.19 -7.91
CA TRP D 94 23.06 -2.01 -8.19
C TRP D 94 22.16 -2.23 -7.01
N PHE D 95 21.41 -1.19 -6.67
CA PHE D 95 20.62 -1.15 -5.45
C PHE D 95 19.14 -1.05 -5.73
N GLN D 96 18.35 -1.69 -4.86
CA GLN D 96 16.90 -1.58 -4.85
C GLN D 96 16.53 -0.74 -3.64
N PHE D 97 15.55 0.15 -3.80
CA PHE D 97 15.07 0.93 -2.68
C PHE D 97 13.75 0.36 -2.23
N ILE D 98 13.78 -0.30 -1.08
CA ILE D 98 12.65 -1.09 -0.60
C ILE D 98 11.96 -0.34 0.54
N GLN D 99 10.74 0.10 0.28
CA GLN D 99 9.97 0.83 1.28
C GLN D 99 9.81 -0.02 2.54
N ASP D 100 9.88 0.60 3.71
CA ASP D 100 9.59 -0.12 4.95
C ASP D 100 8.10 -0.42 5.01
N ASP D 101 7.76 -1.59 5.54
CA ASP D 101 6.36 -2.02 5.61
C ASP D 101 5.54 -1.23 6.64
N ASN D 102 6.21 -0.66 7.64
CA ASN D 102 5.53 0.08 8.71
C ASN D 102 5.65 1.59 8.54
N ASP D 103 6.81 2.04 8.09
CA ASP D 103 7.09 3.45 7.87
C ASP D 103 7.20 3.74 6.38
N PRO D 104 6.09 4.24 5.78
CA PRO D 104 6.07 4.46 4.32
C PRO D 104 7.03 5.55 3.84
N ASN D 105 7.53 6.36 4.75
CA ASN D 105 8.43 7.46 4.40
C ASN D 105 9.90 7.07 4.32
N SER D 106 10.22 5.85 4.73
CA SER D 106 11.60 5.39 4.70
CA SER D 106 11.60 5.35 4.73
C SER D 106 11.77 4.12 3.87
N PHE D 107 13.00 3.83 3.51
CA PHE D 107 13.33 2.67 2.68
C PHE D 107 14.64 2.09 3.11
N ARG D 108 14.87 0.85 2.69
CA ARG D 108 16.17 0.23 2.82
C ARG D 108 16.93 0.31 1.51
N ILE D 109 18.25 0.44 1.63
CA ILE D 109 19.15 0.48 0.48
C ILE D 109 19.71 -0.94 0.35
N TYR D 110 19.09 -1.69 -0.56
CA TYR D 110 19.30 -3.13 -0.65
C TYR D 110 20.14 -3.47 -1.87
N ASP D 111 21.10 -4.38 -1.68
CA ASP D 111 21.96 -4.80 -2.77
C ASP D 111 21.60 -6.22 -3.16
N LEU D 112 21.13 -6.40 -4.38
CA LEU D 112 20.71 -7.72 -4.87
C LEU D 112 21.88 -8.70 -4.97
N ALA D 113 23.03 -8.20 -5.41
CA ALA D 113 24.21 -9.06 -5.57
C ALA D 113 24.66 -9.65 -4.24
N SER D 114 24.69 -8.83 -3.19
CA SER D 114 25.20 -9.28 -1.88
C SER D 114 24.14 -9.62 -0.83
N ASP D 115 22.86 -9.41 -1.17
CA ASP D 115 21.76 -9.63 -0.22
C ASP D 115 22.00 -8.87 1.10
N THR D 116 22.42 -7.60 0.99
CA THR D 116 22.64 -6.76 2.17
C THR D 116 21.86 -5.46 2.11
N VAL D 117 21.67 -4.84 3.27
CA VAL D 117 21.16 -3.48 3.36
C VAL D 117 22.16 -2.61 4.12
N LEU D 118 22.18 -1.31 3.81
CA LEU D 118 23.03 -0.38 4.52
C LEU D 118 22.40 0.04 5.85
N TYR D 119 23.25 0.29 6.84
CA TYR D 119 22.75 0.72 8.14
C TYR D 119 23.58 1.85 8.75
N SER D 120 22.95 2.58 9.67
CA SER D 120 23.59 3.68 10.37
C SER D 120 23.19 3.64 11.83
N ARG D 121 24.18 3.53 12.70
CA ARG D 121 23.94 3.49 14.15
C ARG D 121 24.97 4.32 14.91
N THR D 122 24.68 4.55 16.20
CA THR D 122 25.57 5.31 17.09
C THR D 122 26.26 4.37 18.08
N THR D 123 25.90 3.09 18.01
CA THR D 123 26.30 2.11 19.01
C THR D 123 27.64 1.43 18.67
N ALA D 124 27.56 0.17 18.27
CA ALA D 124 28.73 -0.67 18.05
C ALA D 124 29.43 -0.40 16.72
N ASP D 125 30.74 -0.58 16.72
CA ASP D 125 31.55 -0.55 15.50
C ASP D 125 31.37 -1.85 14.71
N PRO D 126 31.34 -1.75 13.36
CA PRO D 126 31.36 -0.52 12.59
C PRO D 126 30.00 0.19 12.64
N LYS D 127 30.02 1.49 12.95
CA LYS D 127 28.79 2.27 13.12
C LYS D 127 28.02 2.48 11.82
N PHE D 128 28.72 2.36 10.70
CA PHE D 128 28.10 2.35 9.38
C PHE D 128 28.60 1.12 8.62
N GLY D 129 27.73 0.53 7.80
CA GLY D 129 28.12 -0.63 7.00
C GLY D 129 26.96 -1.31 6.34
N ASN D 130 27.14 -2.58 5.97
CA ASN D 130 26.06 -3.39 5.41
C ASN D 130 25.75 -4.63 6.26
N PHE D 131 24.62 -5.26 5.97
CA PHE D 131 24.09 -6.28 6.87
C PHE D 131 23.10 -7.18 6.16
N THR D 132 23.23 -8.48 6.40
CA THR D 132 22.26 -9.48 5.95
C THR D 132 21.55 -10.02 7.17
N GLY D 133 20.26 -9.73 7.28
CA GLY D 133 19.46 -10.25 8.38
C GLY D 133 18.14 -9.55 8.50
N ALA D 134 17.58 -9.56 9.71
CA ALA D 134 16.23 -9.06 9.96
C ALA D 134 16.14 -7.55 9.73
N LYS D 135 14.91 -7.08 9.59
CA LYS D 135 14.65 -5.67 9.32
C LYS D 135 14.67 -4.89 10.63
N TYR D 136 15.65 -3.99 10.73
CA TYR D 136 15.78 -3.14 11.92
C TYR D 136 15.70 -1.68 11.52
N ASP D 137 15.32 -0.85 12.49
CA ASP D 137 15.15 0.59 12.28
C ASP D 137 16.40 1.32 11.83
N ASP D 138 17.58 0.81 12.21
CA ASP D 138 18.83 1.49 11.83
C ASP D 138 19.20 1.30 10.35
N GLN D 139 18.35 0.58 9.63
CA GLN D 139 18.51 0.36 8.20
C GLN D 139 17.62 1.28 7.37
N LEU D 140 16.94 2.22 8.02
CA LEU D 140 15.96 3.07 7.34
C LEU D 140 16.56 4.39 6.88
N TRP D 141 16.32 4.73 5.62
CA TRP D 141 16.88 5.92 4.99
C TRP D 141 15.85 6.83 4.37
N HIS D 142 16.23 8.09 4.18
CA HIS D 142 15.45 9.07 3.43
C HIS D 142 16.25 9.59 2.28
N PHE D 143 15.56 9.95 1.20
CA PHE D 143 16.15 10.78 0.14
C PHE D 143 15.94 12.22 0.54
N GLU D 144 17.03 12.98 0.66
CA GLU D 144 16.93 14.39 1.02
C GLU D 144 17.25 15.24 -0.21
N LEU D 145 16.21 15.73 -0.86
CA LEU D 145 16.36 16.50 -2.10
C LEU D 145 17.07 17.83 -1.84
N VAL D 146 17.93 18.23 -2.76
CA VAL D 146 18.66 19.49 -2.60
C VAL D 146 18.27 20.50 -3.68
#